data_8FUB
#
_entry.id   8FUB
#
_cell.length_a   49.060
_cell.length_b   64.270
_cell.length_c   158.580
_cell.angle_alpha   90.000
_cell.angle_beta   90.000
_cell.angle_gamma   90.000
#
_symmetry.space_group_name_H-M   'P 21 21 21'
#
loop_
_entity.id
_entity.type
_entity.pdbx_description
1 polymer 'Importin subunit alpha-3'
2 polymer 'Matrix protein'
#
loop_
_entity_poly.entity_id
_entity_poly.type
_entity_poly.pdbx_seq_one_letter_code
_entity_poly.pdbx_strand_id
1 'polypeptide(L)'
;SGDYRVQNTSLEAIVQNASSDNQGIQLSAVQAARKLLSSDRNPPIDDLIKSGILPILVHCLERDDNPSLQFEAAWALTNI
ASGTSEQTQAVVQSNAVPLFLRLLHSPHQNVCEQAVWALGNIIGDGPQCRDYVISLGVVKPLLSFISPSIPITFLRNVTW
VMVNLCRHKDPPPPMETIQEILPALCVLIHHTDVNILVDTVWALSYLTDAGNEQIQMVIDSGIVPHLVPLLSHQEVKVQT
AALRAVGNIVTGTDEQTQVVLNCDALSHFPALLTHPKEKINKEAVWFLSNITAGNQQQVQAVIDANLVPMIIHLLDKGDF
GTQKEAAWAISNLTISGRKDQVAYLIQQNVIPPFCNLLTVKDAQVVQVVLDGLSNILKMAEDEAETIGNLIEECGGLEKI
EQLQNHENEDIYKLAYEIIDQFFSSDDIDEDPSLVPEAIQGGTFGFNSSANVPTEGFQF
;
A
2 'polypeptide(L)' SGKRKKIRTIAAYPLGVGKS B
#
# COMPACT_ATOMS: atom_id res chain seq x y z
N SER A 10 -8.79 16.57 39.25
CA SER A 10 -8.04 17.79 38.98
C SER A 10 -6.75 17.50 38.23
N LEU A 11 -6.42 18.35 37.27
CA LEU A 11 -5.26 18.13 36.41
C LEU A 11 -3.96 18.64 37.02
N GLU A 12 -4.02 19.40 38.10
CA GLU A 12 -2.83 19.86 38.79
C GLU A 12 -2.35 18.88 39.84
N ALA A 13 -3.27 18.15 40.49
CA ALA A 13 -2.86 17.22 41.53
C ALA A 13 -2.00 16.11 40.98
N ILE A 14 -2.29 15.66 39.75
CA ILE A 14 -1.55 14.54 39.17
C ILE A 14 -0.11 14.96 38.86
N VAL A 15 0.07 16.15 38.26
CA VAL A 15 1.43 16.60 37.96
C VAL A 15 2.17 16.95 39.25
N GLN A 16 1.46 17.44 40.28
CA GLN A 16 2.13 17.72 41.54
C GLN A 16 2.57 16.44 42.25
N ASN A 17 1.77 15.38 42.17
CA ASN A 17 2.10 14.13 42.83
C ASN A 17 3.06 13.27 42.00
N ALA A 18 3.17 13.53 40.70
CA ALA A 18 4.05 12.73 39.85
C ALA A 18 5.53 13.00 40.12
N SER A 19 5.86 14.06 40.85
CA SER A 19 7.23 14.35 41.23
C SER A 19 7.53 13.98 42.67
N SER A 20 6.56 13.40 43.39
CA SER A 20 6.76 13.07 44.79
C SER A 20 7.82 12.00 44.95
N ASP A 21 8.68 12.18 45.96
CA ASP A 21 9.72 11.20 46.23
C ASP A 21 9.16 9.91 46.81
N ASN A 22 7.88 9.89 47.18
CA ASN A 22 7.21 8.66 47.58
C ASN A 22 6.90 7.85 46.33
N GLN A 23 7.64 6.75 46.16
CA GLN A 23 7.55 5.99 44.91
C GLN A 23 6.14 5.48 44.65
N GLY A 24 5.43 5.12 45.71
CA GLY A 24 4.05 4.65 45.53
C GLY A 24 3.14 5.73 44.98
N ILE A 25 3.14 6.91 45.63
CA ILE A 25 2.31 8.01 45.16
C ILE A 25 2.75 8.46 43.78
N GLN A 26 4.07 8.45 43.53
CA GLN A 26 4.57 8.86 42.22
C GLN A 26 4.07 7.93 41.11
N LEU A 27 4.16 6.62 41.35
CA LEU A 27 3.69 5.67 40.35
C LEU A 27 2.17 5.75 40.17
N SER A 28 1.45 5.97 41.27
CA SER A 28 0.00 6.15 41.16
C SER A 28 -0.33 7.38 40.34
N ALA A 29 0.43 8.46 40.50
CA ALA A 29 0.14 9.69 39.76
C ALA A 29 0.49 9.54 38.28
N VAL A 30 1.62 8.90 37.98
CA VAL A 30 1.96 8.64 36.58
C VAL A 30 0.92 7.74 35.93
N GLN A 31 0.41 6.76 36.69
CA GLN A 31 -0.64 5.89 36.18
C GLN A 31 -1.93 6.67 35.94
N ALA A 32 -2.27 7.61 36.83
CA ALA A 32 -3.46 8.42 36.62
C ALA A 32 -3.31 9.31 35.40
N ALA A 33 -2.11 9.84 35.17
CA ALA A 33 -1.86 10.62 33.96
C ALA A 33 -2.04 9.75 32.72
N ARG A 34 -1.49 8.53 32.75
CA ARG A 34 -1.70 7.59 31.65
C ARG A 34 -3.18 7.35 31.40
N LYS A 35 -3.93 7.11 32.48
CA LYS A 35 -5.36 6.85 32.36
C LYS A 35 -6.08 8.02 31.71
N LEU A 36 -5.77 9.25 32.17
CA LEU A 36 -6.41 10.43 31.58
C LEU A 36 -6.06 10.56 30.10
N LEU A 37 -4.83 10.20 29.74
CA LEU A 37 -4.41 10.28 28.34
C LEU A 37 -4.96 9.15 27.48
N SER A 38 -5.43 8.06 28.08
CA SER A 38 -5.73 6.84 27.34
C SER A 38 -7.22 6.56 27.20
N SER A 39 -7.93 6.41 28.32
CA SER A 39 -9.24 5.77 28.31
C SER A 39 -10.29 6.56 27.52
N ASP A 40 -10.20 7.88 27.53
CA ASP A 40 -11.27 8.71 26.99
C ASP A 40 -11.09 8.95 25.49
N ARG A 41 -12.13 9.54 24.88
CA ARG A 41 -12.07 9.90 23.47
C ARG A 41 -11.42 11.26 23.26
N ASN A 42 -11.45 12.14 24.27
CA ASN A 42 -10.85 13.47 24.20
C ASN A 42 -9.82 13.59 25.32
N PRO A 43 -8.63 13.02 25.13
CA PRO A 43 -7.58 13.12 26.16
C PRO A 43 -7.13 14.55 26.33
N PRO A 44 -6.93 15.01 27.56
CA PRO A 44 -6.51 16.39 27.83
C PRO A 44 -5.00 16.57 27.70
N ILE A 45 -4.50 16.40 26.48
CA ILE A 45 -3.06 16.42 26.24
C ILE A 45 -2.50 17.82 26.44
N ASP A 46 -3.23 18.83 25.94
CA ASP A 46 -2.72 20.21 25.96
C ASP A 46 -2.51 20.69 27.38
N ASP A 47 -3.50 20.50 28.26
CA ASP A 47 -3.37 20.94 29.63
C ASP A 47 -2.28 20.17 30.36
N LEU A 48 -2.13 18.88 30.03
CA LEU A 48 -1.12 18.07 30.70
C LEU A 48 0.29 18.55 30.34
N ILE A 49 0.53 18.84 29.06
CA ILE A 49 1.81 19.43 28.68
C ILE A 49 1.97 20.80 29.31
N LYS A 50 0.88 21.56 29.38
CA LYS A 50 0.92 22.91 29.92
C LYS A 50 1.31 22.93 31.39
N SER A 51 1.06 21.84 32.11
CA SER A 51 1.40 21.73 33.52
C SER A 51 2.80 21.18 33.75
N GLY A 52 3.55 20.89 32.70
CA GLY A 52 4.94 20.48 32.85
C GLY A 52 5.14 19.01 33.15
N ILE A 53 4.30 18.14 32.59
CA ILE A 53 4.43 16.71 32.86
C ILE A 53 5.48 16.06 31.97
N LEU A 54 5.82 16.68 30.84
CA LEU A 54 6.76 16.08 29.90
C LEU A 54 8.13 15.82 30.52
N PRO A 55 8.79 16.78 31.20
CA PRO A 55 10.11 16.45 31.77
C PRO A 55 10.03 15.39 32.85
N ILE A 56 8.95 15.39 33.65
CA ILE A 56 8.79 14.39 34.69
C ILE A 56 8.70 13.00 34.08
N LEU A 57 7.89 12.85 33.03
CA LEU A 57 7.78 11.55 32.37
C LEU A 57 9.10 11.14 31.72
N VAL A 58 9.77 12.09 31.06
CA VAL A 58 11.00 11.75 30.36
C VAL A 58 12.10 11.35 31.35
N HIS A 59 12.10 11.95 32.55
CA HIS A 59 13.08 11.54 33.54
C HIS A 59 12.67 10.28 34.30
N CYS A 60 11.36 9.96 34.33
CA CYS A 60 10.95 8.64 34.79
C CYS A 60 11.37 7.56 33.81
N LEU A 61 11.50 7.91 32.53
CA LEU A 61 11.94 6.94 31.53
C LEU A 61 13.27 6.28 31.89
N GLU A 62 14.16 6.99 32.58
CA GLU A 62 15.52 6.52 32.81
C GLU A 62 15.72 5.90 34.19
N ARG A 63 14.64 5.56 34.88
CA ARG A 63 14.75 4.94 36.21
C ARG A 63 14.70 3.42 36.05
N ASP A 64 15.87 2.84 35.75
CA ASP A 64 15.98 1.40 35.62
C ASP A 64 15.63 0.67 36.92
N ASP A 65 15.65 1.36 38.04
CA ASP A 65 15.33 0.74 39.33
C ASP A 65 13.91 0.21 39.35
N ASN A 66 12.95 1.00 38.85
CA ASN A 66 11.53 0.68 38.91
C ASN A 66 10.99 0.55 37.48
N PRO A 67 10.97 -0.67 36.92
CA PRO A 67 10.51 -0.82 35.53
C PRO A 67 9.03 -0.57 35.34
N SER A 68 8.20 -0.75 36.37
CA SER A 68 6.79 -0.42 36.25
C SER A 68 6.60 1.07 35.97
N LEU A 69 7.39 1.91 36.65
CA LEU A 69 7.35 3.34 36.38
C LEU A 69 7.81 3.64 34.95
N GLN A 70 8.84 2.95 34.48
CA GLN A 70 9.26 3.10 33.08
C GLN A 70 8.11 2.79 32.14
N PHE A 71 7.42 1.67 32.38
CA PHE A 71 6.32 1.27 31.50
C PHE A 71 5.21 2.32 31.50
N GLU A 72 4.78 2.75 32.69
CA GLU A 72 3.69 3.71 32.75
C GLU A 72 4.08 5.05 32.12
N ALA A 73 5.34 5.47 32.32
CA ALA A 73 5.78 6.74 31.75
C ALA A 73 5.86 6.67 30.24
N ALA A 74 6.46 5.60 29.70
CA ALA A 74 6.51 5.44 28.25
C ALA A 74 5.11 5.30 27.66
N TRP A 75 4.17 4.73 28.44
CA TRP A 75 2.79 4.63 27.99
C TRP A 75 2.15 6.01 27.85
N ALA A 76 2.28 6.83 28.89
CA ALA A 76 1.76 8.20 28.83
C ALA A 76 2.39 8.98 27.70
N LEU A 77 3.70 8.82 27.50
CA LEU A 77 4.39 9.51 26.42
C LEU A 77 3.92 9.04 25.05
N THR A 78 3.67 7.73 24.91
CA THR A 78 3.10 7.20 23.68
C THR A 78 1.77 7.87 23.37
N ASN A 79 0.90 7.95 24.38
CA ASN A 79 -0.42 8.51 24.13
C ASN A 79 -0.38 10.02 23.92
N ILE A 80 0.63 10.70 24.47
CA ILE A 80 0.82 12.11 24.12
C ILE A 80 1.28 12.24 22.68
N ALA A 81 2.20 11.38 22.25
CA ALA A 81 2.73 11.44 20.90
C ALA A 81 1.74 10.92 19.86
N SER A 82 0.65 10.28 20.27
CA SER A 82 -0.36 9.82 19.33
C SER A 82 -1.26 10.94 18.83
N GLY A 83 -1.13 12.16 19.34
CA GLY A 83 -2.00 13.25 18.97
C GLY A 83 -1.51 14.10 17.81
N THR A 84 -1.65 15.42 17.95
CA THR A 84 -1.29 16.34 16.89
C THR A 84 0.23 16.34 16.67
N SER A 85 0.65 16.98 15.58
CA SER A 85 2.06 17.10 15.30
C SER A 85 2.76 17.98 16.32
N GLU A 86 2.06 18.96 16.88
CA GLU A 86 2.67 19.79 17.93
C GLU A 86 2.96 18.96 19.17
N GLN A 87 2.06 18.03 19.52
CA GLN A 87 2.25 17.22 20.72
C GLN A 87 3.34 16.18 20.51
N THR A 88 3.35 15.51 19.37
CA THR A 88 4.44 14.59 19.05
C THR A 88 5.78 15.33 19.01
N GLN A 89 5.79 16.52 18.40
CA GLN A 89 7.00 17.31 18.38
C GLN A 89 7.42 17.75 19.78
N ALA A 90 6.47 17.98 20.68
CA ALA A 90 6.82 18.31 22.06
C ALA A 90 7.46 17.11 22.75
N VAL A 91 6.89 15.92 22.55
CA VAL A 91 7.51 14.70 23.08
C VAL A 91 8.94 14.57 22.56
N VAL A 92 9.14 14.86 21.28
CA VAL A 92 10.49 14.79 20.71
C VAL A 92 11.40 15.85 21.32
N GLN A 93 10.88 17.07 21.49
CA GLN A 93 11.68 18.15 22.06
C GLN A 93 12.10 17.85 23.49
N SER A 94 11.32 17.04 24.21
CA SER A 94 11.72 16.66 25.55
C SER A 94 12.87 15.63 25.58
N ASN A 95 13.48 15.32 24.42
CA ASN A 95 14.61 14.40 24.33
C ASN A 95 14.24 13.00 24.82
N ALA A 96 13.03 12.56 24.50
CA ALA A 96 12.57 11.22 24.86
C ALA A 96 12.97 10.16 23.85
N VAL A 97 13.33 10.55 22.63
CA VAL A 97 13.71 9.57 21.61
C VAL A 97 14.95 8.78 22.01
N PRO A 98 16.05 9.40 22.47
CA PRO A 98 17.20 8.58 22.89
C PRO A 98 16.87 7.65 24.04
N LEU A 99 15.99 8.08 24.95
CA LEU A 99 15.62 7.21 26.08
C LEU A 99 14.78 6.03 25.60
N PHE A 100 13.89 6.23 24.63
CA PHE A 100 13.18 5.09 24.05
C PHE A 100 14.15 4.14 23.35
N LEU A 101 15.12 4.69 22.62
CA LEU A 101 16.11 3.86 21.96
C LEU A 101 16.90 3.04 22.98
N ARG A 102 17.17 3.62 24.14
CA ARG A 102 17.82 2.87 25.22
C ARG A 102 16.90 1.80 25.77
N LEU A 103 15.64 2.14 26.04
CA LEU A 103 14.67 1.19 26.58
C LEU A 103 14.43 0.00 25.67
N LEU A 104 14.70 0.15 24.37
CA LEU A 104 14.59 -1.01 23.47
C LEU A 104 15.35 -2.22 24.00
N HIS A 105 16.50 -1.99 24.63
CA HIS A 105 17.33 -3.09 25.13
C HIS A 105 16.91 -3.58 26.52
N SER A 106 15.84 -3.02 27.09
CA SER A 106 15.43 -3.42 28.43
C SER A 106 15.06 -4.90 28.45
N PRO A 107 15.39 -5.62 29.54
CA PRO A 107 15.00 -7.03 29.64
C PRO A 107 13.52 -7.24 29.93
N HIS A 108 12.81 -6.22 30.40
CA HIS A 108 11.37 -6.30 30.60
C HIS A 108 10.67 -6.02 29.28
N GLN A 109 10.01 -7.04 28.73
CA GLN A 109 9.53 -6.97 27.36
C GLN A 109 8.33 -6.06 27.17
N ASN A 110 7.53 -5.81 28.21
CA ASN A 110 6.43 -4.87 28.05
C ASN A 110 6.94 -3.43 28.04
N VAL A 111 7.96 -3.12 28.84
CA VAL A 111 8.62 -1.83 28.74
C VAL A 111 9.24 -1.67 27.36
N CYS A 112 9.97 -2.69 26.91
CA CYS A 112 10.62 -2.65 25.61
C CYS A 112 9.62 -2.57 24.46
N GLU A 113 8.39 -3.05 24.69
CA GLU A 113 7.34 -2.97 23.68
C GLU A 113 6.68 -1.59 23.67
N GLN A 114 6.48 -1.01 24.86
CA GLN A 114 5.97 0.35 24.92
C GLN A 114 6.95 1.34 24.31
N ALA A 115 8.25 1.07 24.44
CA ALA A 115 9.25 1.91 23.76
C ALA A 115 9.08 1.85 22.25
N VAL A 116 8.85 0.64 21.71
CA VAL A 116 8.63 0.48 20.28
C VAL A 116 7.36 1.23 19.86
N TRP A 117 6.31 1.16 20.69
CA TRP A 117 5.06 1.83 20.36
C TRP A 117 5.24 3.35 20.33
N ALA A 118 5.94 3.89 21.32
CA ALA A 118 6.22 5.33 21.34
C ALA A 118 7.05 5.75 20.13
N LEU A 119 8.07 4.96 19.79
CA LEU A 119 8.89 5.26 18.63
C LEU A 119 8.06 5.21 17.35
N GLY A 120 7.11 4.28 17.26
CA GLY A 120 6.25 4.22 16.10
C GLY A 120 5.35 5.43 15.98
N ASN A 121 4.75 5.87 17.09
CA ASN A 121 3.96 7.09 17.08
C ASN A 121 4.80 8.28 16.65
N ILE A 122 6.05 8.34 17.11
CA ILE A 122 6.92 9.45 16.73
C ILE A 122 7.25 9.40 15.24
N ILE A 123 7.58 8.21 14.73
CA ILE A 123 7.92 8.05 13.31
C ILE A 123 6.72 8.38 12.43
N GLY A 124 5.50 8.06 12.88
CA GLY A 124 4.31 8.33 12.09
C GLY A 124 4.00 9.79 11.86
N ASP A 125 4.70 10.70 12.55
CA ASP A 125 4.38 12.12 12.40
C ASP A 125 4.79 12.64 11.03
N GLY A 126 5.97 12.26 10.54
CA GLY A 126 6.43 12.70 9.25
C GLY A 126 7.88 12.33 8.99
N PRO A 127 8.40 12.76 7.84
CA PRO A 127 9.79 12.42 7.50
C PRO A 127 10.83 13.00 8.45
N GLN A 128 10.52 14.12 9.10
CA GLN A 128 11.52 14.75 9.97
C GLN A 128 11.79 13.89 11.21
N CYS A 129 10.74 13.57 11.96
CA CYS A 129 10.90 12.70 13.12
C CYS A 129 11.37 11.31 12.71
N ARG A 130 10.91 10.83 11.55
CA ARG A 130 11.36 9.54 11.04
C ARG A 130 12.87 9.52 10.84
N ASP A 131 13.39 10.53 10.14
CA ASP A 131 14.82 10.60 9.89
C ASP A 131 15.61 10.85 11.16
N TYR A 132 15.02 11.55 12.13
CA TYR A 132 15.70 11.71 13.42
C TYR A 132 15.84 10.37 14.12
N VAL A 133 14.76 9.60 14.20
CA VAL A 133 14.82 8.30 14.87
C VAL A 133 15.72 7.33 14.08
N ILE A 134 15.76 7.47 12.76
CA ILE A 134 16.61 6.61 11.95
C ILE A 134 18.08 6.93 12.19
N SER A 135 18.43 8.22 12.20
CA SER A 135 19.83 8.62 12.37
C SER A 135 20.38 8.18 13.71
N LEU A 136 19.52 8.07 14.72
CA LEU A 136 19.94 7.59 16.04
C LEU A 136 20.03 6.07 16.11
N GLY A 137 19.82 5.36 15.00
CA GLY A 137 19.98 3.93 14.95
C GLY A 137 18.89 3.13 15.62
N VAL A 138 17.69 3.14 15.04
CA VAL A 138 16.58 2.34 15.55
C VAL A 138 16.34 1.08 14.72
N VAL A 139 16.81 1.05 13.48
CA VAL A 139 16.43 -0.01 12.55
C VAL A 139 16.88 -1.38 13.07
N LYS A 140 18.17 -1.53 13.37
CA LYS A 140 18.71 -2.83 13.77
C LYS A 140 18.18 -3.29 15.13
N PRO A 141 18.14 -2.43 16.15
CA PRO A 141 17.51 -2.87 17.42
C PRO A 141 16.04 -3.21 17.25
N LEU A 142 15.34 -2.57 16.32
CA LEU A 142 13.95 -2.95 16.05
C LEU A 142 13.88 -4.32 15.38
N LEU A 143 14.74 -4.55 14.39
CA LEU A 143 14.71 -5.82 13.65
C LEU A 143 15.19 -6.98 14.50
N SER A 144 15.96 -6.72 15.56
CA SER A 144 16.39 -7.80 16.44
C SER A 144 15.22 -8.46 17.17
N PHE A 145 14.01 -7.89 17.09
CA PHE A 145 12.82 -8.47 17.71
C PHE A 145 12.13 -9.47 16.82
N ILE A 146 12.60 -9.66 15.58
CA ILE A 146 11.97 -10.61 14.67
C ILE A 146 12.49 -12.00 14.97
N SER A 147 11.88 -12.65 15.95
CA SER A 147 12.25 -14.00 16.37
C SER A 147 11.01 -14.66 16.94
N PRO A 148 10.96 -16.00 16.92
CA PRO A 148 9.77 -16.70 17.45
C PRO A 148 9.50 -16.45 18.93
N SER A 149 10.51 -16.04 19.70
CA SER A 149 10.32 -15.79 21.12
C SER A 149 9.30 -14.68 21.36
N ILE A 150 9.32 -13.66 20.52
CA ILE A 150 8.51 -12.45 20.75
C ILE A 150 7.04 -12.79 20.53
N PRO A 151 6.15 -12.41 21.44
CA PRO A 151 4.71 -12.63 21.22
C PRO A 151 4.22 -11.86 20.00
N ILE A 152 3.08 -12.31 19.47
CA ILE A 152 2.59 -11.81 18.19
C ILE A 152 2.04 -10.39 18.29
N THR A 153 1.56 -9.97 19.46
CA THR A 153 1.16 -8.57 19.64
C THR A 153 2.35 -7.63 19.46
N PHE A 154 3.45 -7.95 20.14
CA PHE A 154 4.69 -7.17 20.00
C PHE A 154 5.17 -7.17 18.55
N LEU A 155 5.15 -8.33 17.90
CA LEU A 155 5.61 -8.39 16.51
C LEU A 155 4.69 -7.61 15.58
N ARG A 156 3.38 -7.59 15.88
CA ARG A 156 2.46 -6.76 15.11
C ARG A 156 2.82 -5.28 15.24
N ASN A 157 3.11 -4.84 16.47
CA ASN A 157 3.52 -3.46 16.66
C ASN A 157 4.83 -3.16 15.93
N VAL A 158 5.75 -4.13 15.91
CA VAL A 158 7.01 -3.95 15.19
C VAL A 158 6.77 -3.80 13.69
N THR A 159 5.90 -4.66 13.13
CA THR A 159 5.57 -4.54 11.71
C THR A 159 4.89 -3.21 11.41
N TRP A 160 4.07 -2.72 12.34
CA TRP A 160 3.43 -1.42 12.16
C TRP A 160 4.46 -0.29 12.17
N VAL A 161 5.46 -0.39 13.05
CA VAL A 161 6.54 0.60 13.05
C VAL A 161 7.30 0.56 11.73
N MET A 162 7.51 -0.64 11.18
CA MET A 162 8.18 -0.75 9.89
C MET A 162 7.34 -0.10 8.79
N VAL A 163 6.03 -0.33 8.81
CA VAL A 163 5.13 0.32 7.86
C VAL A 163 5.26 1.82 7.94
N ASN A 164 5.22 2.37 9.15
CA ASN A 164 5.41 3.80 9.34
C ASN A 164 6.77 4.25 8.81
N LEU A 165 7.79 3.39 8.94
CA LEU A 165 9.11 3.73 8.39
C LEU A 165 9.08 3.81 6.87
N CYS A 166 8.23 3.03 6.21
CA CYS A 166 8.21 2.98 4.75
C CYS A 166 7.11 3.81 4.11
N ARG A 167 6.20 4.40 4.90
CA ARG A 167 4.95 4.89 4.32
C ARG A 167 5.13 6.18 3.52
N HIS A 168 6.07 7.05 3.91
CA HIS A 168 6.22 8.34 3.25
C HIS A 168 7.25 8.25 2.14
N LYS A 169 6.86 8.71 0.95
CA LYS A 169 7.71 8.54 -0.22
C LYS A 169 8.56 9.76 -0.55
N ASP A 170 8.18 10.94 -0.08
CA ASP A 170 8.95 12.13 -0.41
C ASP A 170 9.01 13.07 0.79
N PRO A 171 10.17 13.22 1.43
CA PRO A 171 11.41 12.51 1.08
C PRO A 171 11.42 11.07 1.61
N PRO A 172 11.92 10.15 0.80
CA PRO A 172 11.92 8.74 1.20
C PRO A 172 12.98 8.49 2.26
N PRO A 173 12.86 7.39 3.01
CA PRO A 173 13.91 7.06 3.95
C PRO A 173 15.21 6.78 3.22
N PRO A 174 16.35 6.95 3.88
CA PRO A 174 17.64 6.70 3.21
C PRO A 174 17.70 5.29 2.65
N MET A 175 18.25 5.17 1.44
CA MET A 175 18.29 3.89 0.76
C MET A 175 19.07 2.85 1.56
N GLU A 176 20.02 3.29 2.39
CA GLU A 176 20.69 2.36 3.29
C GLU A 176 19.70 1.77 4.28
N THR A 177 18.83 2.59 4.85
CA THR A 177 17.81 2.10 5.76
C THR A 177 16.83 1.17 5.03
N ILE A 178 16.49 1.49 3.78
CA ILE A 178 15.61 0.62 3.02
C ILE A 178 16.27 -0.73 2.76
N GLN A 179 17.58 -0.72 2.50
CA GLN A 179 18.31 -1.97 2.32
C GLN A 179 18.34 -2.78 3.61
N GLU A 180 18.45 -2.10 4.76
CA GLU A 180 18.39 -2.80 6.03
C GLU A 180 16.99 -3.34 6.31
N ILE A 181 15.96 -2.67 5.78
CA ILE A 181 14.59 -3.03 6.09
C ILE A 181 14.11 -4.22 5.25
N LEU A 182 14.50 -4.26 3.98
CA LEU A 182 14.01 -5.28 3.06
C LEU A 182 14.15 -6.71 3.56
N PRO A 183 15.31 -7.17 4.06
CA PRO A 183 15.37 -8.56 4.55
C PRO A 183 14.45 -8.82 5.72
N ALA A 184 14.24 -7.82 6.57
CA ALA A 184 13.28 -7.97 7.66
C ALA A 184 11.87 -8.20 7.11
N LEU A 185 11.51 -7.49 6.03
CA LEU A 185 10.21 -7.71 5.40
C LEU A 185 10.14 -9.11 4.78
N CYS A 186 11.24 -9.57 4.18
CA CYS A 186 11.25 -10.91 3.61
C CYS A 186 11.11 -11.97 4.70
N VAL A 187 11.64 -11.70 5.90
CA VAL A 187 11.44 -12.62 7.01
C VAL A 187 10.01 -12.57 7.52
N LEU A 188 9.44 -11.37 7.62
CA LEU A 188 8.09 -11.21 8.15
C LEU A 188 7.04 -11.78 7.21
N ILE A 189 7.32 -11.82 5.90
CA ILE A 189 6.34 -12.34 4.95
C ILE A 189 6.13 -13.84 5.08
N HIS A 190 6.99 -14.54 5.83
CA HIS A 190 6.82 -15.97 6.10
C HIS A 190 5.78 -16.24 7.18
N HIS A 191 5.10 -15.21 7.69
CA HIS A 191 4.21 -15.36 8.83
C HIS A 191 2.82 -15.82 8.37
N THR A 192 2.04 -16.29 9.33
CA THR A 192 0.64 -16.66 9.10
C THR A 192 -0.34 -15.60 9.57
N ASP A 193 0.05 -14.78 10.55
CA ASP A 193 -0.86 -13.78 11.09
C ASP A 193 -1.28 -12.79 10.00
N VAL A 194 -2.58 -12.50 9.95
CA VAL A 194 -3.11 -11.68 8.87
C VAL A 194 -2.67 -10.23 9.01
N ASN A 195 -2.65 -9.70 10.23
CA ASN A 195 -2.26 -8.31 10.42
C ASN A 195 -0.80 -8.09 10.04
N ILE A 196 0.07 -8.99 10.46
CA ILE A 196 1.49 -8.89 10.12
C ILE A 196 1.69 -8.96 8.61
N LEU A 197 0.99 -9.89 7.96
CA LEU A 197 1.12 -10.03 6.51
C LEU A 197 0.61 -8.78 5.79
N VAL A 198 -0.55 -8.26 6.22
CA VAL A 198 -1.10 -7.07 5.59
C VAL A 198 -0.13 -5.89 5.73
N ASP A 199 0.42 -5.70 6.92
CA ASP A 199 1.36 -4.60 7.12
C ASP A 199 2.63 -4.79 6.29
N THR A 200 3.17 -6.01 6.28
CA THR A 200 4.37 -6.28 5.48
C THR A 200 4.13 -6.00 4.01
N VAL A 201 2.99 -6.45 3.48
CA VAL A 201 2.75 -6.27 2.06
C VAL A 201 2.45 -4.81 1.74
N TRP A 202 1.82 -4.08 2.65
CA TRP A 202 1.63 -2.65 2.41
C TRP A 202 2.95 -1.89 2.46
N ALA A 203 3.88 -2.31 3.32
CA ALA A 203 5.21 -1.71 3.31
C ALA A 203 5.91 -2.00 1.99
N LEU A 204 5.79 -3.24 1.49
CA LEU A 204 6.35 -3.55 0.17
C LEU A 204 5.71 -2.70 -0.91
N SER A 205 4.40 -2.46 -0.81
CA SER A 205 3.71 -1.63 -1.79
C SER A 205 4.24 -0.20 -1.76
N TYR A 206 4.42 0.34 -0.56
CA TYR A 206 5.01 1.68 -0.44
C TYR A 206 6.40 1.71 -1.06
N LEU A 207 7.23 0.69 -0.79
CA LEU A 207 8.59 0.69 -1.33
C LEU A 207 8.58 0.60 -2.85
N THR A 208 7.67 -0.20 -3.42
CA THR A 208 7.61 -0.33 -4.87
C THR A 208 7.07 0.94 -5.54
N ASP A 209 6.44 1.83 -4.78
CA ASP A 209 5.87 3.03 -5.37
C ASP A 209 6.95 3.98 -5.88
N ALA A 210 8.15 3.93 -5.31
CA ALA A 210 9.16 4.95 -5.58
C ALA A 210 9.71 4.89 -7.00
N GLY A 211 9.68 3.73 -7.64
CA GLY A 211 10.15 3.65 -9.02
C GLY A 211 10.84 2.33 -9.26
N ASN A 212 11.49 2.24 -10.42
CA ASN A 212 12.06 0.98 -10.86
C ASN A 212 13.30 0.61 -10.05
N GLU A 213 13.99 1.59 -9.48
CA GLU A 213 15.15 1.31 -8.64
C GLU A 213 14.73 0.47 -7.43
N GLN A 214 13.72 0.94 -6.69
CA GLN A 214 13.27 0.19 -5.53
C GLN A 214 12.54 -1.08 -5.93
N ILE A 215 11.92 -1.11 -7.12
CA ILE A 215 11.34 -2.35 -7.62
C ILE A 215 12.42 -3.41 -7.80
N GLN A 216 13.54 -3.02 -8.40
CA GLN A 216 14.65 -3.95 -8.55
C GLN A 216 15.24 -4.33 -7.20
N MET A 217 15.29 -3.38 -6.26
CA MET A 217 15.75 -3.70 -4.91
C MET A 217 14.87 -4.76 -4.27
N VAL A 218 13.55 -4.66 -4.46
CA VAL A 218 12.62 -5.65 -3.92
C VAL A 218 12.85 -7.00 -4.59
N ILE A 219 13.02 -6.99 -5.91
CA ILE A 219 13.19 -8.24 -6.65
C ILE A 219 14.48 -8.95 -6.22
N ASP A 220 15.55 -8.18 -5.98
CA ASP A 220 16.81 -8.78 -5.54
C ASP A 220 16.69 -9.47 -4.19
N SER A 221 15.71 -9.08 -3.36
CA SER A 221 15.53 -9.71 -2.06
C SER A 221 14.96 -11.11 -2.15
N GLY A 222 14.56 -11.56 -3.34
CA GLY A 222 13.94 -12.87 -3.47
C GLY A 222 12.63 -13.00 -2.74
N ILE A 223 11.87 -11.91 -2.63
CA ILE A 223 10.63 -11.91 -1.87
C ILE A 223 9.40 -12.08 -2.77
N VAL A 224 9.52 -11.82 -4.07
CA VAL A 224 8.45 -12.04 -5.03
C VAL A 224 7.93 -13.47 -4.97
N PRO A 225 8.79 -14.50 -4.87
CA PRO A 225 8.25 -15.86 -4.72
C PRO A 225 7.38 -16.05 -3.49
N HIS A 226 7.60 -15.28 -2.43
CA HIS A 226 6.74 -15.36 -1.26
C HIS A 226 5.55 -14.42 -1.33
N LEU A 227 5.65 -13.36 -2.13
CA LEU A 227 4.57 -12.37 -2.21
C LEU A 227 3.48 -12.78 -3.19
N VAL A 228 3.88 -13.36 -4.32
CA VAL A 228 2.89 -13.69 -5.37
C VAL A 228 1.82 -14.65 -4.90
N PRO A 229 2.14 -15.78 -4.25
CA PRO A 229 1.06 -16.69 -3.83
C PRO A 229 0.04 -16.05 -2.89
N LEU A 230 0.36 -14.94 -2.24
CA LEU A 230 -0.62 -14.28 -1.37
C LEU A 230 -1.81 -13.71 -2.13
N LEU A 231 -1.76 -13.68 -3.47
CA LEU A 231 -2.93 -13.29 -4.26
C LEU A 231 -4.11 -14.23 -4.05
N SER A 232 -3.87 -15.44 -3.55
CA SER A 232 -4.93 -16.41 -3.29
C SER A 232 -5.15 -16.65 -1.80
N HIS A 233 -4.72 -15.72 -0.96
CA HIS A 233 -4.93 -15.85 0.48
C HIS A 233 -6.43 -15.79 0.78
N GLN A 234 -6.82 -16.46 1.87
CA GLN A 234 -8.23 -16.49 2.23
C GLN A 234 -8.73 -15.11 2.64
N GLU A 235 -7.88 -14.31 3.27
CA GLU A 235 -8.29 -12.98 3.72
C GLU A 235 -8.18 -11.98 2.58
N VAL A 236 -9.28 -11.24 2.35
CA VAL A 236 -9.33 -10.35 1.19
C VAL A 236 -8.42 -9.14 1.38
N LYS A 237 -8.15 -8.74 2.63
CA LYS A 237 -7.22 -7.63 2.86
C LYS A 237 -5.83 -7.98 2.37
N VAL A 238 -5.35 -9.18 2.72
CA VAL A 238 -4.09 -9.68 2.18
C VAL A 238 -4.13 -9.70 0.66
N GLN A 239 -5.27 -10.08 0.09
CA GLN A 239 -5.39 -10.17 -1.36
C GLN A 239 -5.20 -8.80 -2.00
N THR A 240 -5.90 -7.79 -1.51
CA THR A 240 -5.79 -6.45 -2.10
C THR A 240 -4.39 -5.88 -1.90
N ALA A 241 -3.79 -6.12 -0.73
CA ALA A 241 -2.43 -5.64 -0.49
C ALA A 241 -1.45 -6.29 -1.47
N ALA A 242 -1.52 -7.61 -1.62
CA ALA A 242 -0.62 -8.30 -2.53
C ALA A 242 -0.85 -7.88 -3.96
N LEU A 243 -2.11 -7.64 -4.34
CA LEU A 243 -2.41 -7.19 -5.69
C LEU A 243 -1.81 -5.82 -5.95
N ARG A 244 -1.94 -4.91 -4.98
CA ARG A 244 -1.31 -3.59 -5.12
C ARG A 244 0.19 -3.71 -5.27
N ALA A 245 0.82 -4.54 -4.45
CA ALA A 245 2.28 -4.68 -4.50
C ALA A 245 2.74 -5.24 -5.84
N VAL A 246 2.11 -6.32 -6.30
CA VAL A 246 2.55 -6.96 -7.53
C VAL A 246 2.22 -6.10 -8.75
N GLY A 247 1.13 -5.34 -8.70
CA GLY A 247 0.88 -4.38 -9.77
C GLY A 247 1.93 -3.30 -9.83
N ASN A 248 2.29 -2.74 -8.68
CA ASN A 248 3.40 -1.78 -8.63
C ASN A 248 4.66 -2.38 -9.24
N ILE A 249 4.95 -3.64 -8.92
CA ILE A 249 6.16 -4.26 -9.45
C ILE A 249 6.07 -4.39 -10.97
N VAL A 250 4.94 -4.90 -11.49
CA VAL A 250 4.81 -5.09 -12.93
C VAL A 250 4.67 -3.79 -13.70
N THR A 251 4.53 -2.66 -13.01
CA THR A 251 4.68 -1.38 -13.71
C THR A 251 6.11 -1.09 -14.14
N GLY A 252 7.08 -1.93 -13.76
CA GLY A 252 8.47 -1.72 -14.08
C GLY A 252 8.87 -2.26 -15.43
N THR A 253 10.16 -2.56 -15.56
CA THR A 253 10.70 -3.05 -16.82
C THR A 253 10.14 -4.44 -17.14
N ASP A 254 10.30 -4.83 -18.40
CA ASP A 254 9.78 -6.12 -18.84
C ASP A 254 10.48 -7.28 -18.14
N GLU A 255 11.75 -7.10 -17.75
CA GLU A 255 12.43 -8.16 -17.00
C GLU A 255 11.86 -8.29 -15.59
N GLN A 256 11.50 -7.17 -14.96
CA GLN A 256 10.87 -7.22 -13.66
C GLN A 256 9.47 -7.84 -13.74
N THR A 257 8.69 -7.41 -14.74
CA THR A 257 7.39 -8.01 -14.99
C THR A 257 7.51 -9.51 -15.23
N GLN A 258 8.53 -9.93 -15.97
CA GLN A 258 8.71 -11.36 -16.24
C GLN A 258 9.19 -12.09 -14.99
N VAL A 259 9.94 -11.43 -14.12
CA VAL A 259 10.30 -12.04 -12.84
C VAL A 259 9.04 -12.32 -12.03
N VAL A 260 8.08 -11.38 -12.05
CA VAL A 260 6.81 -11.64 -11.37
C VAL A 260 6.06 -12.78 -12.06
N LEU A 261 6.04 -12.79 -13.40
CA LEU A 261 5.29 -13.81 -14.12
C LEU A 261 5.88 -15.21 -13.94
N ASN A 262 7.20 -15.31 -13.74
CA ASN A 262 7.85 -16.59 -13.58
C ASN A 262 7.53 -17.26 -12.25
N CYS A 263 6.90 -16.53 -11.32
CA CYS A 263 6.33 -17.13 -10.13
C CYS A 263 4.91 -17.65 -10.36
N ASP A 264 4.46 -17.64 -11.63
CA ASP A 264 3.12 -18.07 -12.03
C ASP A 264 2.06 -17.23 -11.32
N ALA A 265 2.12 -15.92 -11.57
CA ALA A 265 1.15 -15.02 -10.95
C ALA A 265 -0.19 -15.12 -11.66
N LEU A 266 -0.18 -15.33 -12.97
CA LEU A 266 -1.42 -15.39 -13.75
C LEU A 266 -2.35 -16.50 -13.29
N SER A 267 -1.83 -17.52 -12.59
CA SER A 267 -2.68 -18.59 -12.08
C SER A 267 -3.65 -18.06 -11.04
N HIS A 268 -3.32 -16.96 -10.37
CA HIS A 268 -4.10 -16.44 -9.26
C HIS A 268 -5.14 -15.41 -9.69
N PHE A 269 -5.27 -15.17 -11.00
CA PHE A 269 -6.10 -14.06 -11.48
C PHE A 269 -7.51 -14.45 -11.94
N PRO A 270 -7.77 -15.69 -12.38
CA PRO A 270 -9.17 -16.06 -12.62
C PRO A 270 -10.08 -15.78 -11.43
N ALA A 271 -9.64 -16.11 -10.22
CA ALA A 271 -10.42 -15.84 -9.02
C ALA A 271 -10.50 -14.36 -8.71
N LEU A 272 -9.57 -13.54 -9.20
CA LEU A 272 -9.60 -12.09 -9.04
C LEU A 272 -10.51 -11.39 -10.07
N LEU A 273 -10.47 -11.81 -11.34
CA LEU A 273 -11.33 -11.19 -12.34
C LEU A 273 -12.80 -11.46 -12.07
N THR A 274 -13.12 -12.54 -11.37
CA THR A 274 -14.50 -12.88 -11.04
C THR A 274 -14.81 -12.67 -9.56
N HIS A 275 -13.96 -11.93 -8.84
CA HIS A 275 -14.17 -11.70 -7.43
C HIS A 275 -15.44 -10.87 -7.22
N PRO A 276 -16.18 -11.13 -6.14
CA PRO A 276 -17.42 -10.37 -5.90
C PRO A 276 -17.20 -8.89 -5.64
N LYS A 277 -16.01 -8.48 -5.20
CA LYS A 277 -15.74 -7.07 -4.92
C LYS A 277 -15.23 -6.38 -6.19
N GLU A 278 -15.85 -5.26 -6.54
CA GLU A 278 -15.47 -4.53 -7.74
C GLU A 278 -14.05 -4.01 -7.66
N LYS A 279 -13.56 -3.74 -6.45
CA LYS A 279 -12.22 -3.18 -6.27
C LYS A 279 -11.15 -4.18 -6.68
N ILE A 280 -11.29 -5.44 -6.29
CA ILE A 280 -10.33 -6.47 -6.68
C ILE A 280 -10.38 -6.70 -8.19
N ASN A 281 -11.58 -6.66 -8.78
CA ASN A 281 -11.70 -6.71 -10.24
C ASN A 281 -10.90 -5.58 -10.89
N LYS A 282 -11.10 -4.36 -10.41
CA LYS A 282 -10.41 -3.20 -10.98
C LYS A 282 -8.90 -3.35 -10.87
N GLU A 283 -8.41 -3.74 -9.70
CA GLU A 283 -6.97 -3.86 -9.50
C GLU A 283 -6.38 -4.99 -10.34
N ALA A 284 -7.12 -6.11 -10.47
CA ALA A 284 -6.63 -7.21 -11.29
C ALA A 284 -6.55 -6.81 -12.76
N VAL A 285 -7.55 -6.07 -13.25
CA VAL A 285 -7.49 -5.67 -14.64
C VAL A 285 -6.43 -4.60 -14.85
N TRP A 286 -6.14 -3.79 -13.82
CA TRP A 286 -5.03 -2.85 -13.91
C TRP A 286 -3.69 -3.58 -14.03
N PHE A 287 -3.50 -4.60 -13.19
CA PHE A 287 -2.33 -5.46 -13.30
C PHE A 287 -2.21 -6.03 -14.70
N LEU A 288 -3.28 -6.65 -15.20
CA LEU A 288 -3.22 -7.29 -16.51
C LEU A 288 -3.05 -6.29 -17.64
N SER A 289 -3.53 -5.05 -17.46
CA SER A 289 -3.27 -4.01 -18.46
C SER A 289 -1.80 -3.63 -18.49
N ASN A 290 -1.17 -3.57 -17.31
CA ASN A 290 0.28 -3.37 -17.27
C ASN A 290 1.01 -4.56 -17.90
N ILE A 291 0.44 -5.76 -17.81
CA ILE A 291 1.07 -6.92 -18.43
C ILE A 291 0.96 -6.85 -19.95
N THR A 292 -0.20 -6.43 -20.47
CA THR A 292 -0.39 -6.41 -21.93
C THR A 292 0.47 -5.36 -22.60
N ALA A 293 0.84 -4.30 -21.88
CA ALA A 293 1.69 -3.26 -22.46
C ALA A 293 3.12 -3.73 -22.69
N GLY A 294 3.50 -4.90 -22.15
CA GLY A 294 4.84 -5.42 -22.30
C GLY A 294 5.06 -6.09 -23.63
N ASN A 295 6.04 -6.99 -23.66
CA ASN A 295 6.41 -7.67 -24.89
C ASN A 295 5.32 -8.66 -25.30
N GLN A 296 5.41 -9.13 -26.54
CA GLN A 296 4.40 -10.05 -27.07
C GLN A 296 4.46 -11.40 -26.36
N GLN A 297 5.61 -11.76 -25.80
CA GLN A 297 5.69 -12.96 -24.99
C GLN A 297 4.74 -12.88 -23.79
N GLN A 298 4.68 -11.71 -23.14
CA GLN A 298 3.77 -11.55 -22.01
C GLN A 298 2.32 -11.52 -22.45
N VAL A 299 2.02 -10.95 -23.63
CA VAL A 299 0.67 -11.00 -24.15
C VAL A 299 0.25 -12.45 -24.39
N GLN A 300 1.17 -13.26 -24.93
CA GLN A 300 0.85 -14.66 -25.17
C GLN A 300 0.72 -15.42 -23.85
N ALA A 301 1.51 -15.05 -22.84
CA ALA A 301 1.35 -15.65 -21.52
C ALA A 301 -0.02 -15.32 -20.93
N VAL A 302 -0.51 -14.11 -21.19
CA VAL A 302 -1.86 -13.74 -20.75
C VAL A 302 -2.89 -14.60 -21.46
N ILE A 303 -2.75 -14.74 -22.78
CA ILE A 303 -3.73 -15.49 -23.55
C ILE A 303 -3.72 -16.97 -23.15
N ASP A 304 -2.56 -17.50 -22.77
CA ASP A 304 -2.47 -18.91 -22.40
C ASP A 304 -3.27 -19.22 -21.15
N ALA A 305 -3.26 -18.31 -20.17
CA ALA A 305 -4.04 -18.51 -18.95
C ALA A 305 -5.53 -18.29 -19.17
N ASN A 306 -5.96 -18.03 -20.40
CA ASN A 306 -7.38 -17.88 -20.72
C ASN A 306 -8.03 -16.74 -19.95
N LEU A 307 -7.27 -15.68 -19.72
CA LEU A 307 -7.77 -14.52 -19.00
C LEU A 307 -8.44 -13.50 -19.91
N VAL A 308 -8.18 -13.57 -21.21
CA VAL A 308 -8.79 -12.63 -22.15
C VAL A 308 -10.32 -12.66 -22.09
N PRO A 309 -10.99 -13.83 -22.12
CA PRO A 309 -12.46 -13.80 -22.04
C PRO A 309 -12.99 -13.12 -20.78
N MET A 310 -12.31 -13.30 -19.65
CA MET A 310 -12.80 -12.72 -18.40
C MET A 310 -12.62 -11.20 -18.37
N ILE A 311 -11.50 -10.71 -18.92
CA ILE A 311 -11.35 -9.26 -18.98
C ILE A 311 -12.33 -8.66 -19.99
N ILE A 312 -12.66 -9.40 -21.05
CA ILE A 312 -13.70 -8.95 -21.97
C ILE A 312 -15.04 -8.88 -21.24
N HIS A 313 -15.36 -9.89 -20.43
CA HIS A 313 -16.62 -9.89 -19.70
C HIS A 313 -16.69 -8.74 -18.71
N LEU A 314 -15.55 -8.40 -18.08
CA LEU A 314 -15.53 -7.27 -17.17
C LEU A 314 -15.67 -5.95 -17.90
N LEU A 315 -15.04 -5.85 -19.09
CA LEU A 315 -15.27 -4.69 -19.95
C LEU A 315 -16.74 -4.54 -20.30
N ASP A 316 -17.42 -5.67 -20.55
CA ASP A 316 -18.83 -5.65 -20.92
C ASP A 316 -19.71 -5.25 -19.73
N LYS A 317 -19.74 -6.07 -18.70
CA LYS A 317 -20.74 -5.97 -17.64
C LYS A 317 -20.16 -5.53 -16.30
N GLY A 318 -18.94 -4.99 -16.30
CA GLY A 318 -18.31 -4.57 -15.07
C GLY A 318 -18.60 -3.14 -14.69
N ASP A 319 -18.16 -2.78 -13.48
CA ASP A 319 -18.32 -1.41 -13.00
C ASP A 319 -17.48 -0.46 -13.85
N PHE A 320 -17.68 0.84 -13.60
CA PHE A 320 -17.11 1.85 -14.49
C PHE A 320 -15.58 1.81 -14.49
N GLY A 321 -14.97 1.87 -13.29
CA GLY A 321 -13.52 1.86 -13.23
C GLY A 321 -12.91 0.58 -13.77
N THR A 322 -13.53 -0.56 -13.47
CA THR A 322 -13.10 -1.82 -14.05
C THR A 322 -13.20 -1.78 -15.57
N GLN A 323 -14.25 -1.14 -16.09
CA GLN A 323 -14.39 -1.02 -17.53
C GLN A 323 -13.28 -0.17 -18.13
N LYS A 324 -12.90 0.92 -17.45
CA LYS A 324 -11.80 1.75 -17.92
C LYS A 324 -10.50 0.96 -17.96
N GLU A 325 -10.21 0.22 -16.88
CA GLU A 325 -9.01 -0.60 -16.84
C GLU A 325 -9.02 -1.70 -17.91
N ALA A 326 -10.20 -2.24 -18.22
CA ALA A 326 -10.28 -3.28 -19.24
C ALA A 326 -10.07 -2.71 -20.64
N ALA A 327 -10.64 -1.53 -20.90
CA ALA A 327 -10.35 -0.84 -22.15
C ALA A 327 -8.85 -0.59 -22.28
N TRP A 328 -8.20 -0.16 -21.19
CA TRP A 328 -6.76 0.05 -21.22
C TRP A 328 -6.01 -1.25 -21.53
N ALA A 329 -6.44 -2.36 -20.90
CA ALA A 329 -5.79 -3.64 -21.12
C ALA A 329 -5.86 -4.04 -22.59
N ILE A 330 -7.07 -4.06 -23.15
CA ILE A 330 -7.21 -4.49 -24.53
C ILE A 330 -6.52 -3.53 -25.48
N SER A 331 -6.45 -2.23 -25.15
CA SER A 331 -5.82 -1.29 -26.07
C SER A 331 -4.31 -1.43 -26.06
N ASN A 332 -3.71 -1.60 -24.88
CA ASN A 332 -2.28 -1.92 -24.84
C ASN A 332 -2.00 -3.22 -25.58
N LEU A 333 -2.91 -4.18 -25.46
CA LEU A 333 -2.79 -5.42 -26.22
C LEU A 333 -2.73 -5.14 -27.71
N THR A 334 -3.65 -4.31 -28.21
CA THR A 334 -3.65 -3.97 -29.63
C THR A 334 -2.35 -3.29 -30.04
N ILE A 335 -1.86 -2.37 -29.20
CA ILE A 335 -0.65 -1.61 -29.55
C ILE A 335 0.55 -2.53 -29.65
N SER A 336 0.76 -3.39 -28.66
CA SER A 336 1.94 -4.26 -28.64
C SER A 336 1.57 -5.73 -28.80
N GLY A 337 0.62 -6.03 -29.68
CA GLY A 337 0.20 -7.40 -29.90
C GLY A 337 0.29 -7.85 -31.34
N ARG A 338 0.30 -9.17 -31.56
CA ARG A 338 0.41 -9.72 -32.90
C ARG A 338 -0.92 -9.62 -33.63
N LYS A 339 -0.85 -9.75 -34.96
CA LYS A 339 -2.06 -9.76 -35.77
C LYS A 339 -2.95 -10.94 -35.42
N ASP A 340 -2.35 -12.12 -35.21
CA ASP A 340 -3.14 -13.29 -34.81
C ASP A 340 -3.73 -13.11 -33.42
N GLN A 341 -3.02 -12.41 -32.52
CA GLN A 341 -3.54 -12.20 -31.18
C GLN A 341 -4.67 -11.18 -31.19
N VAL A 342 -4.56 -10.14 -32.02
CA VAL A 342 -5.69 -9.22 -32.19
C VAL A 342 -6.87 -9.93 -32.84
N ALA A 343 -6.61 -10.91 -33.70
CA ALA A 343 -7.70 -11.71 -34.25
C ALA A 343 -8.35 -12.56 -33.16
N TYR A 344 -7.54 -13.18 -32.30
CA TYR A 344 -8.04 -13.88 -31.12
C TYR A 344 -8.96 -12.97 -30.31
N LEU A 345 -8.54 -11.72 -30.12
CA LEU A 345 -9.36 -10.74 -29.38
C LEU A 345 -10.69 -10.49 -30.08
N ILE A 346 -10.64 -10.00 -31.32
CA ILE A 346 -11.85 -9.77 -32.10
C ILE A 346 -12.74 -11.00 -32.18
N GLN A 347 -12.20 -12.21 -31.97
CA GLN A 347 -12.99 -13.43 -32.08
C GLN A 347 -13.91 -13.63 -30.89
N GLN A 348 -13.52 -13.14 -29.72
CA GLN A 348 -14.18 -13.45 -28.45
C GLN A 348 -15.17 -12.36 -28.02
N ASN A 349 -15.92 -11.79 -28.96
CA ASN A 349 -16.92 -10.76 -28.66
C ASN A 349 -16.26 -9.58 -27.96
N VAL A 350 -15.32 -8.94 -28.65
CA VAL A 350 -14.54 -7.84 -28.09
C VAL A 350 -15.11 -6.50 -28.49
N ILE A 351 -15.41 -6.34 -29.77
CA ILE A 351 -15.79 -5.04 -30.34
C ILE A 351 -17.19 -4.62 -29.90
N PRO A 352 -18.19 -5.50 -29.84
CA PRO A 352 -19.51 -5.06 -29.36
C PRO A 352 -19.44 -4.47 -27.97
N PRO A 353 -18.87 -5.15 -26.96
CA PRO A 353 -18.80 -4.51 -25.63
C PRO A 353 -17.76 -3.43 -25.55
N PHE A 354 -16.76 -3.43 -26.44
CA PHE A 354 -15.78 -2.35 -26.47
C PHE A 354 -16.42 -1.03 -26.87
N CYS A 355 -17.34 -1.07 -27.83
CA CYS A 355 -17.90 0.17 -28.38
C CYS A 355 -18.95 0.84 -27.48
N ASN A 356 -19.43 0.16 -26.44
CA ASN A 356 -20.45 0.78 -25.59
C ASN A 356 -19.87 1.83 -24.64
N LEU A 357 -18.55 1.92 -24.53
CA LEU A 357 -17.92 2.94 -23.68
C LEU A 357 -17.56 4.20 -24.44
N LEU A 358 -17.91 4.28 -25.72
CA LEU A 358 -17.68 5.50 -26.50
C LEU A 358 -18.57 6.66 -26.07
N THR A 359 -19.56 6.41 -25.20
CA THR A 359 -20.54 7.41 -24.81
C THR A 359 -20.27 8.04 -23.45
N VAL A 360 -19.24 7.58 -22.73
CA VAL A 360 -19.03 8.04 -21.37
C VAL A 360 -18.46 9.45 -21.36
N LYS A 361 -18.57 10.11 -20.20
CA LYS A 361 -18.13 11.49 -20.08
C LYS A 361 -16.61 11.60 -20.06
N ASP A 362 -15.94 10.65 -19.41
CA ASP A 362 -14.49 10.68 -19.32
C ASP A 362 -13.87 10.64 -20.70
N ALA A 363 -12.96 11.59 -20.96
CA ALA A 363 -12.36 11.72 -22.29
C ALA A 363 -11.25 10.71 -22.53
N GLN A 364 -10.52 10.31 -21.49
CA GLN A 364 -9.40 9.38 -21.67
C GLN A 364 -9.89 8.03 -22.14
N VAL A 365 -11.00 7.53 -21.59
CA VAL A 365 -11.52 6.24 -22.01
C VAL A 365 -11.93 6.29 -23.47
N VAL A 366 -12.54 7.39 -23.90
CA VAL A 366 -12.94 7.55 -25.29
C VAL A 366 -11.71 7.58 -26.20
N GLN A 367 -10.68 8.33 -25.80
CA GLN A 367 -9.43 8.34 -26.56
C GLN A 367 -8.87 6.93 -26.70
N VAL A 368 -8.90 6.17 -25.60
CA VAL A 368 -8.29 4.85 -25.58
C VAL A 368 -9.06 3.87 -26.48
N VAL A 369 -10.39 3.91 -26.42
CA VAL A 369 -11.17 3.01 -27.27
C VAL A 369 -11.00 3.38 -28.74
N LEU A 370 -10.97 4.69 -29.04
CA LEU A 370 -10.71 5.12 -30.42
C LEU A 370 -9.38 4.57 -30.93
N ASP A 371 -8.31 4.77 -30.15
CA ASP A 371 -7.00 4.30 -30.58
C ASP A 371 -6.96 2.78 -30.70
N GLY A 372 -7.66 2.07 -29.81
CA GLY A 372 -7.69 0.62 -29.89
C GLY A 372 -8.33 0.12 -31.16
N LEU A 373 -9.54 0.62 -31.46
CA LEU A 373 -10.21 0.24 -32.71
C LEU A 373 -9.36 0.60 -33.92
N SER A 374 -8.78 1.81 -33.91
CA SER A 374 -7.94 2.24 -35.02
C SER A 374 -6.76 1.29 -35.24
N ASN A 375 -6.11 0.88 -34.15
CA ASN A 375 -4.92 0.05 -34.30
C ASN A 375 -5.26 -1.39 -34.64
N ILE A 376 -6.45 -1.89 -34.26
CA ILE A 376 -6.83 -3.22 -34.74
C ILE A 376 -7.17 -3.16 -36.22
N LEU A 377 -7.76 -2.06 -36.68
CA LEU A 377 -8.08 -1.94 -38.10
C LEU A 377 -6.80 -1.78 -38.93
N LYS A 378 -5.84 -1.02 -38.42
CA LYS A 378 -4.55 -0.89 -39.10
C LYS A 378 -3.77 -2.20 -39.04
N MET A 379 -3.93 -2.98 -37.96
CA MET A 379 -3.25 -4.26 -37.86
C MET A 379 -3.86 -5.29 -38.80
N ALA A 380 -5.17 -5.17 -39.07
CA ALA A 380 -5.85 -6.13 -39.95
C ALA A 380 -6.53 -5.41 -41.10
N GLU A 381 -5.76 -4.72 -41.93
CA GLU A 381 -6.33 -4.08 -43.12
C GLU A 381 -6.71 -5.12 -44.18
N ASP A 382 -6.06 -6.29 -44.16
CA ASP A 382 -6.35 -7.34 -45.14
C ASP A 382 -7.82 -7.75 -45.08
N GLU A 383 -8.31 -8.10 -43.89
CA GLU A 383 -9.67 -8.56 -43.70
C GLU A 383 -10.49 -7.57 -42.88
N ALA A 384 -10.23 -6.27 -43.07
CA ALA A 384 -10.93 -5.24 -42.30
C ALA A 384 -12.40 -5.13 -42.71
N GLU A 385 -12.73 -5.58 -43.93
CA GLU A 385 -14.10 -5.44 -44.41
C GLU A 385 -15.08 -6.21 -43.53
N THR A 386 -14.65 -7.35 -43.00
CA THR A 386 -15.49 -8.10 -42.07
C THR A 386 -15.61 -7.38 -40.73
N ILE A 387 -14.49 -6.83 -40.23
CA ILE A 387 -14.47 -6.23 -38.90
C ILE A 387 -15.34 -4.99 -38.86
N GLY A 388 -15.25 -4.14 -39.90
CA GLY A 388 -16.01 -2.91 -39.90
C GLY A 388 -17.52 -3.10 -39.84
N ASN A 389 -18.03 -4.18 -40.45
CA ASN A 389 -19.46 -4.43 -40.42
C ASN A 389 -19.93 -4.78 -39.02
N LEU A 390 -19.06 -5.35 -38.18
CA LEU A 390 -19.45 -5.70 -36.82
C LEU A 390 -19.83 -4.47 -36.01
N ILE A 391 -19.12 -3.35 -36.24
CA ILE A 391 -19.41 -2.13 -35.50
C ILE A 391 -20.85 -1.68 -35.71
N GLU A 392 -21.41 -1.95 -36.89
CA GLU A 392 -22.77 -1.53 -37.19
C GLU A 392 -23.79 -2.29 -36.34
N GLU A 393 -23.47 -3.53 -35.97
CA GLU A 393 -24.40 -4.34 -35.18
C GLU A 393 -24.61 -3.74 -33.79
N CYS A 394 -23.53 -3.35 -33.13
CA CYS A 394 -23.59 -2.82 -31.76
C CYS A 394 -23.87 -1.32 -31.72
N GLY A 395 -24.22 -0.72 -32.86
CA GLY A 395 -24.44 0.72 -32.92
C GLY A 395 -23.19 1.54 -32.65
N GLY A 396 -22.01 1.01 -32.97
CA GLY A 396 -20.77 1.70 -32.70
C GLY A 396 -20.48 2.82 -33.67
N LEU A 397 -20.82 2.61 -34.94
CA LEU A 397 -20.63 3.65 -35.94
C LEU A 397 -21.45 4.89 -35.62
N GLU A 398 -22.63 4.71 -35.02
CA GLU A 398 -23.42 5.83 -34.54
C GLU A 398 -22.62 6.68 -33.55
N LYS A 399 -22.04 6.03 -32.54
CA LYS A 399 -21.30 6.78 -31.54
C LYS A 399 -19.99 7.34 -32.10
N ILE A 400 -19.44 6.72 -33.15
CA ILE A 400 -18.22 7.26 -33.77
C ILE A 400 -18.54 8.55 -34.52
N GLU A 401 -19.58 8.52 -35.37
CA GLU A 401 -19.96 9.73 -36.08
C GLU A 401 -20.53 10.79 -35.14
N GLN A 402 -20.99 10.41 -33.95
CA GLN A 402 -21.33 11.42 -32.95
C GLN A 402 -20.08 11.96 -32.27
N LEU A 403 -19.08 11.11 -32.05
CA LEU A 403 -17.79 11.56 -31.52
C LEU A 403 -17.13 12.55 -32.45
N GLN A 404 -17.42 12.47 -33.75
CA GLN A 404 -16.97 13.50 -34.69
C GLN A 404 -17.25 14.91 -34.19
N ASN A 405 -18.24 15.08 -33.30
CA ASN A 405 -18.59 16.36 -32.71
C ASN A 405 -18.04 16.54 -31.31
N HIS A 406 -17.09 15.70 -30.89
CA HIS A 406 -16.50 15.84 -29.57
C HIS A 406 -15.70 17.13 -29.47
N GLU A 407 -15.60 17.65 -28.24
CA GLU A 407 -15.02 18.97 -28.03
C GLU A 407 -13.51 18.97 -28.28
N ASN A 408 -12.78 18.15 -27.54
CA ASN A 408 -11.33 18.09 -27.72
C ASN A 408 -11.00 17.56 -29.12
N GLU A 409 -9.85 17.98 -29.63
CA GLU A 409 -9.57 17.84 -31.06
C GLU A 409 -9.13 16.43 -31.43
N ASP A 410 -8.31 15.79 -30.60
CA ASP A 410 -7.72 14.52 -30.99
C ASP A 410 -8.78 13.45 -31.20
N ILE A 411 -9.81 13.44 -30.37
CA ILE A 411 -10.86 12.43 -30.49
C ILE A 411 -11.60 12.59 -31.82
N TYR A 412 -12.03 13.82 -32.14
CA TYR A 412 -12.79 14.04 -33.36
C TYR A 412 -11.94 13.82 -34.61
N LYS A 413 -10.70 14.32 -34.59
CA LYS A 413 -9.82 14.11 -35.74
C LYS A 413 -9.48 12.64 -35.92
N LEU A 414 -9.42 11.86 -34.83
CA LEU A 414 -9.16 10.44 -34.97
C LEU A 414 -10.38 9.70 -35.50
N ALA A 415 -11.59 10.11 -35.09
CA ALA A 415 -12.79 9.55 -35.67
C ALA A 415 -12.84 9.79 -37.18
N TYR A 416 -12.58 11.03 -37.60
CA TYR A 416 -12.50 11.34 -39.02
C TYR A 416 -11.41 10.53 -39.70
N GLU A 417 -10.26 10.38 -39.04
CA GLU A 417 -9.10 9.72 -39.63
C GLU A 417 -9.36 8.24 -39.86
N ILE A 418 -10.12 7.61 -38.97
CA ILE A 418 -10.37 6.17 -39.07
C ILE A 418 -11.68 5.84 -39.77
N ILE A 419 -12.53 6.84 -40.05
CA ILE A 419 -13.64 6.59 -40.96
C ILE A 419 -13.06 6.32 -42.34
N ASP A 420 -12.99 5.03 -42.70
CA ASP A 420 -12.40 4.60 -43.96
C ASP A 420 -12.95 3.24 -44.37
N GLY B 2 -2.25 1.27 7.27
CA GLY B 2 -3.31 1.56 8.22
C GLY B 2 -3.20 2.94 8.84
N LYS B 3 -3.26 3.00 10.16
CA LYS B 3 -3.15 4.26 10.89
C LYS B 3 -1.68 4.57 11.17
N ARG B 4 -1.32 5.86 11.09
CA ARG B 4 0.05 6.28 11.32
C ARG B 4 0.36 6.55 12.78
N LYS B 5 -0.65 6.86 13.60
CA LYS B 5 -0.49 7.03 15.03
C LYS B 5 -1.55 6.22 15.75
N LYS B 6 -1.15 5.54 16.82
CA LYS B 6 -2.04 4.68 17.58
C LYS B 6 -1.96 5.05 19.06
N ILE B 7 -3.11 5.06 19.72
CA ILE B 7 -3.19 5.32 21.15
C ILE B 7 -3.40 3.99 21.86
N ARG B 8 -2.63 3.76 22.93
CA ARG B 8 -2.74 2.53 23.71
C ARG B 8 -3.66 2.76 24.89
N THR B 9 -4.72 1.97 24.97
CA THR B 9 -5.71 2.08 26.03
C THR B 9 -5.56 1.01 27.10
N ILE B 10 -5.21 -0.21 26.71
CA ILE B 10 -5.18 -1.36 27.62
C ILE B 10 -3.85 -2.09 27.46
N ALA B 11 -3.26 -2.49 28.58
CA ALA B 11 -2.06 -3.30 28.60
C ALA B 11 -2.31 -4.59 29.36
N ALA B 12 -1.60 -5.64 28.98
CA ALA B 12 -1.76 -6.94 29.61
C ALA B 12 -0.52 -7.81 29.44
#